data_4O5F
#
_entry.id   4O5F
#
_cell.length_a   99.440
_cell.length_b   99.440
_cell.length_c   112.900
_cell.angle_alpha   90.00
_cell.angle_beta   90.00
_cell.angle_gamma   90.00
#
_symmetry.space_group_name_H-M   'P 43 21 2'
#
loop_
_entity.id
_entity.type
_entity.pdbx_description
1 polymer 'Type III pantothenate kinase'
2 non-polymer 'PANTOTHENOIC ACID'
3 non-polymer 'PHOSPHATE ION'
4 non-polymer "ADENOSINE-5'-TRIPHOSPHATE"
5 non-polymer 'CHLORIDE ION'
6 non-polymer GLYCEROL
7 non-polymer 'POTASSIUM ION'
8 water water
#
_entity_poly.entity_id   1
_entity_poly.type   'polypeptide(L)'
_entity_poly.pdbx_seq_one_letter_code
;MAHHHHHHMGTLEAQTQGPGSMSGVCLLIDAGNSRIKWALADTGRHFVTSGAFEHADDTPDWSTLPAPRGAWISNVAGDA
AAARIDALIDAHWPALPRTVVRACAAQCGVTNGYAEPARLGSDRWAGLIGAHAAFPGEHLLIATFGTATTLEALRADGRF
TGGLIAPGWALMMRSLGMHTAQLPTVSIDAATSLLDELAANDAHAPFAIDTPHALSAGCLQAQAGLIERAWRDLEKAWKA
PVRLVLSGGAADAIVRALTVPHTRHDTLVLTGLALIAHSA
;
_entity_poly.pdbx_strand_id   A,B
#
# COMPACT_ATOMS: atom_id res chain seq x y z
N MET A 22 -40.38 -15.59 23.74
CA MET A 22 -39.56 -15.69 22.52
C MET A 22 -38.42 -14.67 22.59
N SER A 23 -37.25 -15.03 22.08
CA SER A 23 -36.09 -14.13 22.09
C SER A 23 -36.22 -13.07 21.00
N GLY A 24 -35.95 -11.83 21.36
CA GLY A 24 -35.98 -10.74 20.40
C GLY A 24 -34.60 -10.38 19.86
N VAL A 25 -33.57 -11.15 20.20
CA VAL A 25 -32.19 -10.75 19.85
C VAL A 25 -31.51 -11.74 18.92
N CYS A 26 -30.70 -11.19 18.01
CA CYS A 26 -29.96 -11.99 17.07
C CYS A 26 -28.47 -11.78 17.32
N LEU A 27 -27.70 -12.86 17.29
CA LEU A 27 -26.25 -12.80 17.41
C LEU A 27 -25.62 -12.62 16.03
N LEU A 28 -24.73 -11.62 15.91
CA LEU A 28 -24.11 -11.26 14.66
C LEU A 28 -22.60 -11.37 14.80
N ILE A 29 -21.98 -12.04 13.84
CA ILE A 29 -20.54 -12.27 13.85
CA ILE A 29 -20.54 -12.31 13.84
C ILE A 29 -19.94 -11.82 12.54
N ASP A 30 -18.90 -10.96 12.66
CA ASP A 30 -18.17 -10.40 11.53
C ASP A 30 -16.72 -10.88 11.70
N ALA A 31 -16.40 -12.00 11.08
CA ALA A 31 -15.08 -12.57 11.17
C ALA A 31 -14.28 -12.12 9.96
N GLY A 32 -13.25 -11.34 10.23
CA GLY A 32 -12.32 -10.90 9.20
C GLY A 32 -10.98 -11.56 9.37
N ASN A 33 -10.04 -11.24 8.49
CA ASN A 33 -8.73 -11.83 8.56
C ASN A 33 -7.94 -11.47 9.80
N SER A 34 -8.22 -10.33 10.43
CA SER A 34 -7.43 -9.90 11.57
CA SER A 34 -7.42 -9.92 11.58
C SER A 34 -8.12 -10.19 12.90
N ARG A 35 -9.44 -10.07 12.93
CA ARG A 35 -10.14 -10.36 14.17
CA ARG A 35 -10.22 -10.10 14.17
C ARG A 35 -11.60 -10.66 13.92
N ILE A 36 -12.28 -11.06 15.00
CA ILE A 36 -13.69 -11.41 14.95
C ILE A 36 -14.43 -10.41 15.81
N LYS A 37 -15.39 -9.75 15.20
CA LYS A 37 -16.24 -8.80 15.88
CA LYS A 37 -16.25 -8.78 15.86
C LYS A 37 -17.63 -9.37 15.99
N TRP A 38 -18.35 -8.97 17.02
CA TRP A 38 -19.69 -9.51 17.21
C TRP A 38 -20.60 -8.48 17.88
N ALA A 39 -21.90 -8.71 17.74
CA ALA A 39 -22.92 -7.89 18.41
C ALA A 39 -24.13 -8.73 18.65
N LEU A 40 -24.88 -8.33 19.67
CA LEU A 40 -26.20 -8.88 19.90
C LEU A 40 -27.22 -7.77 19.58
N ALA A 41 -28.07 -8.00 18.58
CA ALA A 41 -28.96 -6.95 18.04
C ALA A 41 -30.42 -7.30 18.30
N ASP A 42 -31.18 -6.36 18.86
CA ASP A 42 -32.63 -6.52 19.07
C ASP A 42 -33.48 -5.94 17.94
N THR A 43 -32.90 -5.03 17.15
CA THR A 43 -33.54 -4.55 15.93
C THR A 43 -32.52 -4.55 14.80
N GLY A 44 -32.97 -4.14 13.61
CA GLY A 44 -32.07 -4.06 12.46
C GLY A 44 -31.03 -2.96 12.62
N ARG A 45 -31.20 -2.08 13.60
CA ARG A 45 -30.26 -0.96 13.74
C ARG A 45 -29.60 -0.82 15.13
N HIS A 46 -30.10 -1.53 16.13
CA HIS A 46 -29.66 -1.29 17.51
C HIS A 46 -29.01 -2.52 18.13
N PHE A 47 -27.92 -2.29 18.87
CA PHE A 47 -27.20 -3.37 19.52
C PHE A 47 -27.36 -3.27 21.03
N VAL A 48 -27.67 -4.42 21.64
CA VAL A 48 -27.75 -4.54 23.08
C VAL A 48 -26.35 -4.51 23.68
N THR A 49 -25.42 -5.19 23.02
CA THR A 49 -24.02 -5.22 23.40
C THR A 49 -23.18 -5.71 22.23
N SER A 50 -21.86 -5.53 22.32
CA SER A 50 -20.97 -5.92 21.23
C SER A 50 -19.55 -6.04 21.76
N GLY A 51 -18.67 -6.63 20.97
CA GLY A 51 -17.26 -6.81 21.35
C GLY A 51 -16.45 -7.44 20.21
N ALA A 52 -15.27 -7.92 20.56
CA ALA A 52 -14.34 -8.46 19.59
C ALA A 52 -13.36 -9.39 20.28
N PHE A 53 -12.84 -10.35 19.52
CA PHE A 53 -11.77 -11.20 20.01
C PHE A 53 -10.89 -11.69 18.86
N GLU A 54 -9.77 -12.28 19.24
CA GLU A 54 -8.79 -12.81 18.30
C GLU A 54 -9.13 -14.23 17.88
N HIS A 55 -8.45 -14.69 16.83
CA HIS A 55 -8.70 -16.01 16.26
C HIS A 55 -8.18 -17.16 17.12
N ALA A 56 -7.10 -16.90 17.86
CA ALA A 56 -6.48 -17.93 18.70
C ALA A 56 -6.50 -17.54 20.18
N ASP A 57 -6.32 -18.54 21.04
CA ASP A 57 -6.20 -18.37 22.50
C ASP A 57 -7.02 -17.19 23.04
N ASP A 58 -8.28 -17.11 22.65
CA ASP A 58 -9.16 -16.03 23.07
C ASP A 58 -10.63 -16.45 22.89
N THR A 59 -11.48 -16.00 23.80
CA THR A 59 -12.91 -16.35 23.77
C THR A 59 -13.74 -15.23 24.41
N PRO A 60 -14.84 -14.82 23.75
CA PRO A 60 -15.66 -13.72 24.25
C PRO A 60 -16.50 -14.11 25.47
N ASP A 61 -16.92 -13.10 26.24
CA ASP A 61 -17.78 -13.33 27.40
C ASP A 61 -19.24 -13.34 26.95
N TRP A 62 -19.78 -14.55 26.76
CA TRP A 62 -21.17 -14.74 26.32
C TRP A 62 -22.05 -15.44 27.36
N SER A 63 -21.49 -15.84 28.50
CA SER A 63 -22.26 -16.56 29.53
C SER A 63 -23.29 -15.67 30.23
N THR A 64 -23.11 -14.36 30.14
CA THR A 64 -24.07 -13.39 30.66
C THR A 64 -25.08 -12.92 29.62
N LEU A 65 -24.88 -13.27 28.34
CA LEU A 65 -25.77 -12.81 27.26
C LEU A 65 -27.14 -13.49 27.31
N PRO A 66 -28.21 -12.73 26.96
CA PRO A 66 -29.50 -13.39 26.80
C PRO A 66 -29.51 -14.22 25.52
N ALA A 67 -30.10 -15.40 25.60
CA ALA A 67 -30.08 -16.37 24.51
C ALA A 67 -30.64 -15.74 23.22
N PRO A 68 -29.91 -15.88 22.09
CA PRO A 68 -30.40 -15.32 20.85
C PRO A 68 -31.30 -16.30 20.12
N ARG A 69 -32.11 -15.77 19.20
CA ARG A 69 -32.97 -16.62 18.40
C ARG A 69 -32.23 -17.29 17.24
N GLY A 70 -31.09 -16.73 16.86
CA GLY A 70 -30.22 -17.36 15.87
C GLY A 70 -28.92 -16.57 15.75
N ALA A 71 -27.94 -17.10 15.00
CA ALA A 71 -26.70 -16.38 14.67
C ALA A 71 -26.63 -16.15 13.16
N TRP A 72 -26.11 -14.97 12.82
CA TRP A 72 -25.81 -14.59 11.43
C TRP A 72 -24.32 -14.31 11.34
N ILE A 73 -23.64 -15.07 10.49
CA ILE A 73 -22.19 -15.11 10.50
C ILE A 73 -21.66 -14.67 9.14
N SER A 74 -20.89 -13.59 9.13
CA SER A 74 -20.03 -13.24 8.00
C SER A 74 -18.62 -13.74 8.32
N ASN A 75 -18.03 -14.50 7.42
CA ASN A 75 -16.68 -14.99 7.62
C ASN A 75 -15.90 -14.96 6.35
N VAL A 76 -14.88 -14.11 6.30
CA VAL A 76 -13.94 -14.07 5.15
C VAL A 76 -12.54 -14.60 5.50
N ALA A 77 -12.44 -15.27 6.65
CA ALA A 77 -11.17 -15.70 7.21
C ALA A 77 -10.88 -17.20 7.03
N GLY A 78 -11.74 -17.92 6.30
CA GLY A 78 -11.47 -19.32 5.95
C GLY A 78 -12.12 -20.34 6.84
N ASP A 79 -11.94 -21.60 6.48
CA ASP A 79 -12.69 -22.71 7.10
C ASP A 79 -12.35 -22.94 8.58
N ALA A 80 -11.09 -22.78 8.94
CA ALA A 80 -10.68 -22.90 10.34
C ALA A 80 -11.44 -21.95 11.25
N ALA A 81 -11.52 -20.69 10.83
CA ALA A 81 -12.27 -19.70 11.58
C ALA A 81 -13.74 -20.07 11.67
N ALA A 82 -14.29 -20.60 10.58
CA ALA A 82 -15.70 -21.00 10.55
C ALA A 82 -15.98 -22.09 11.56
N ALA A 83 -15.09 -23.07 11.61
CA ALA A 83 -15.25 -24.19 12.54
C ALA A 83 -15.12 -23.69 13.99
N ARG A 84 -14.22 -22.74 14.21
CA ARG A 84 -13.99 -22.16 15.52
C ARG A 84 -15.19 -21.35 16.00
N ILE A 85 -15.78 -20.58 15.09
CA ILE A 85 -16.98 -19.81 15.43
C ILE A 85 -18.14 -20.74 15.80
N ASP A 86 -18.32 -21.81 15.02
CA ASP A 86 -19.35 -22.81 15.31
C ASP A 86 -19.13 -23.39 16.68
N ALA A 87 -17.87 -23.71 17.01
CA ALA A 87 -17.55 -24.32 18.31
C ALA A 87 -17.95 -23.39 19.47
N LEU A 88 -17.75 -22.08 19.29
CA LEU A 88 -18.12 -21.08 20.29
C LEU A 88 -19.64 -20.94 20.44
N ILE A 89 -20.35 -20.89 19.32
CA ILE A 89 -21.81 -20.81 19.36
C ILE A 89 -22.45 -22.05 20.04
N ASP A 90 -21.94 -23.23 19.71
CA ASP A 90 -22.47 -24.49 20.28
C ASP A 90 -22.12 -24.65 21.74
N ALA A 91 -21.01 -24.07 22.16
CA ALA A 91 -20.58 -24.14 23.55
C ALA A 91 -21.42 -23.23 24.45
N HIS A 92 -22.33 -22.45 23.87
CA HIS A 92 -23.23 -21.58 24.61
C HIS A 92 -24.70 -21.86 24.33
N TRP A 93 -25.03 -22.16 23.07
CA TRP A 93 -26.40 -22.41 22.66
C TRP A 93 -26.42 -23.56 21.66
N PRO A 94 -26.53 -24.79 22.17
CA PRO A 94 -26.54 -25.98 21.34
C PRO A 94 -27.62 -25.95 20.27
N ALA A 95 -27.21 -26.19 19.02
CA ALA A 95 -28.13 -26.27 17.88
C ALA A 95 -28.86 -24.96 17.60
N LEU A 96 -28.28 -23.85 18.02
CA LEU A 96 -28.78 -22.54 17.62
C LEU A 96 -28.90 -22.48 16.10
N PRO A 97 -30.08 -22.08 15.59
CA PRO A 97 -30.15 -21.78 14.17
C PRO A 97 -29.08 -20.76 13.77
N ARG A 98 -28.47 -21.01 12.63
CA ARG A 98 -27.50 -20.06 12.15
C ARG A 98 -27.50 -19.97 10.64
N THR A 99 -27.07 -18.81 10.18
CA THR A 99 -27.04 -18.45 8.77
C THR A 99 -25.62 -18.01 8.48
N VAL A 100 -24.99 -18.66 7.50
CA VAL A 100 -23.69 -18.16 6.97
C VAL A 100 -24.06 -17.17 5.90
N VAL A 101 -23.84 -15.90 6.21
CA VAL A 101 -24.19 -14.78 5.32
C VAL A 101 -23.25 -14.79 4.13
N ARG A 102 -23.82 -14.61 2.94
CA ARG A 102 -23.06 -14.50 1.71
CA ARG A 102 -23.05 -14.48 1.72
C ARG A 102 -23.63 -13.39 0.87
N ALA A 103 -22.77 -12.78 0.04
CA ALA A 103 -23.28 -11.89 -0.98
C ALA A 103 -24.17 -12.64 -1.95
N CYS A 104 -25.17 -11.95 -2.47
CA CYS A 104 -26.11 -12.54 -3.41
C CYS A 104 -26.51 -11.45 -4.40
N ALA A 105 -27.46 -11.76 -5.28
CA ALA A 105 -27.84 -10.83 -6.34
C ALA A 105 -28.44 -9.53 -5.81
N ALA A 106 -29.22 -9.62 -4.76
CA ALA A 106 -30.02 -8.49 -4.29
C ALA A 106 -30.53 -8.79 -2.90
N GLN A 107 -30.44 -7.82 -2.00
CA GLN A 107 -30.92 -8.02 -0.61
C GLN A 107 -31.02 -6.71 0.11
N CYS A 108 -32.07 -6.54 0.92
CA CYS A 108 -32.20 -5.37 1.77
C CYS A 108 -31.97 -4.04 1.03
N GLY A 109 -32.51 -3.94 -0.17
CA GLY A 109 -32.47 -2.67 -0.93
C GLY A 109 -31.24 -2.48 -1.81
N VAL A 110 -30.28 -3.40 -1.69
CA VAL A 110 -29.05 -3.32 -2.47
C VAL A 110 -29.08 -4.32 -3.59
N THR A 111 -28.57 -3.93 -4.75
CA THR A 111 -28.39 -4.86 -5.85
CA THR A 111 -28.42 -4.79 -5.92
C THR A 111 -26.91 -4.97 -6.17
N ASN A 112 -26.45 -6.17 -6.41
CA ASN A 112 -25.05 -6.49 -6.53
C ASN A 112 -24.58 -6.46 -7.98
N GLY A 113 -23.74 -5.46 -8.29
CA GLY A 113 -23.18 -5.31 -9.62
C GLY A 113 -21.95 -6.12 -9.93
N TYR A 114 -21.44 -6.93 -9.01
CA TYR A 114 -20.33 -7.81 -9.35
C TYR A 114 -20.75 -8.70 -10.54
N ALA A 115 -19.78 -8.99 -11.39
CA ALA A 115 -20.05 -9.90 -12.51
C ALA A 115 -20.60 -11.23 -12.03
N GLU A 116 -20.06 -11.74 -10.92
CA GLU A 116 -20.57 -12.88 -10.18
C GLU A 116 -20.84 -12.48 -8.74
N PRO A 117 -22.08 -12.04 -8.46
CA PRO A 117 -22.46 -11.53 -7.16
C PRO A 117 -21.91 -12.31 -5.98
N ALA A 118 -21.96 -13.64 -6.05
CA ALA A 118 -21.54 -14.49 -4.97
C ALA A 118 -20.06 -14.37 -4.62
N ARG A 119 -19.24 -13.81 -5.52
CA ARG A 119 -17.79 -13.67 -5.27
C ARG A 119 -17.44 -12.46 -4.42
N LEU A 120 -18.40 -11.55 -4.23
CA LEU A 120 -18.13 -10.39 -3.36
C LEU A 120 -18.00 -10.85 -1.92
N GLY A 121 -17.03 -10.25 -1.20
CA GLY A 121 -16.86 -10.57 0.19
C GLY A 121 -18.12 -10.35 1.01
N SER A 122 -18.43 -11.27 1.90
CA SER A 122 -19.68 -11.18 2.67
C SER A 122 -19.68 -9.97 3.61
N ASP A 123 -18.51 -9.60 4.10
CA ASP A 123 -18.34 -8.41 4.91
C ASP A 123 -18.68 -7.15 4.12
N ARG A 124 -18.18 -7.08 2.92
CA ARG A 124 -18.50 -5.95 2.02
C ARG A 124 -19.99 -5.85 1.72
N TRP A 125 -20.61 -7.01 1.52
CA TRP A 125 -22.05 -7.06 1.26
C TRP A 125 -22.83 -6.52 2.44
N ALA A 126 -22.53 -7.03 3.63
CA ALA A 126 -23.20 -6.54 4.78
C ALA A 126 -22.96 -5.03 4.99
N GLY A 127 -21.75 -4.55 4.75
CA GLY A 127 -21.50 -3.12 4.86
C GLY A 127 -22.31 -2.28 3.89
N LEU A 128 -22.48 -2.79 2.67
CA LEU A 128 -23.32 -2.12 1.68
C LEU A 128 -24.76 -1.98 2.17
N ILE A 129 -25.29 -3.08 2.70
CA ILE A 129 -26.63 -3.07 3.26
C ILE A 129 -26.76 -2.10 4.43
N GLY A 130 -25.78 -2.12 5.35
CA GLY A 130 -25.75 -1.16 6.44
C GLY A 130 -25.73 0.28 5.95
N ALA A 131 -24.86 0.55 4.96
CA ALA A 131 -24.69 1.92 4.47
C ALA A 131 -25.95 2.41 3.76
N HIS A 132 -26.59 1.56 2.96
CA HIS A 132 -27.83 1.89 2.26
C HIS A 132 -28.90 2.34 3.27
N ALA A 133 -28.97 1.63 4.39
CA ALA A 133 -29.95 1.97 5.42
C ALA A 133 -29.57 3.23 6.18
N ALA A 134 -28.29 3.39 6.47
CA ALA A 134 -27.80 4.51 7.29
C ALA A 134 -27.90 5.84 6.56
N PHE A 135 -27.74 5.85 5.22
CA PHE A 135 -27.65 7.07 4.45
C PHE A 135 -28.63 7.03 3.28
N PRO A 136 -29.94 6.99 3.59
CA PRO A 136 -30.91 6.89 2.50
C PRO A 136 -30.89 8.06 1.52
N GLY A 137 -31.06 7.75 0.23
CA GLY A 137 -31.17 8.76 -0.80
C GLY A 137 -29.85 9.35 -1.27
N GLU A 138 -28.75 8.78 -0.78
CA GLU A 138 -27.42 9.30 -1.07
C GLU A 138 -26.57 8.35 -1.87
N HIS A 139 -25.76 8.90 -2.77
CA HIS A 139 -24.65 8.17 -3.37
C HIS A 139 -23.50 8.15 -2.39
N LEU A 140 -22.88 6.97 -2.26
CA LEU A 140 -21.83 6.73 -1.27
C LEU A 140 -20.59 6.11 -1.88
N LEU A 141 -19.44 6.43 -1.28
CA LEU A 141 -18.22 5.66 -1.45
C LEU A 141 -17.85 5.17 -0.08
N ILE A 142 -17.87 3.86 0.09
CA ILE A 142 -17.61 3.26 1.41
C ILE A 142 -16.16 2.81 1.44
N ALA A 143 -15.40 3.30 2.43
CA ALA A 143 -14.00 2.94 2.60
C ALA A 143 -13.85 2.25 3.93
N THR A 144 -13.41 1.00 3.92
CA THR A 144 -13.31 0.19 5.15
C THR A 144 -11.87 -0.25 5.32
N PHE A 145 -11.32 0.11 6.46
CA PHE A 145 -9.89 -0.09 6.77
C PHE A 145 -9.71 -1.26 7.70
N GLY A 146 -9.29 -2.41 7.16
CA GLY A 146 -9.03 -3.59 7.95
C GLY A 146 -7.70 -4.20 7.49
N THR A 147 -7.64 -5.52 7.41
CA THR A 147 -6.45 -6.17 6.84
C THR A 147 -6.23 -5.58 5.46
N ALA A 148 -7.31 -5.54 4.70
CA ALA A 148 -7.37 -4.84 3.43
C ALA A 148 -8.05 -3.49 3.60
N THR A 149 -7.78 -2.57 2.72
CA THR A 149 -8.61 -1.39 2.53
C THR A 149 -9.51 -1.67 1.34
N THR A 150 -10.83 -1.57 1.55
CA THR A 150 -11.78 -1.80 0.46
C THR A 150 -12.57 -0.54 0.19
N LEU A 151 -12.93 -0.35 -1.06
CA LEU A 151 -13.84 0.71 -1.47
CA LEU A 151 -13.84 0.71 -1.48
C LEU A 151 -15.00 0.12 -2.25
N GLU A 152 -16.20 0.57 -1.94
CA GLU A 152 -17.39 0.25 -2.74
C GLU A 152 -18.13 1.50 -3.13
N ALA A 153 -18.54 1.57 -4.40
CA ALA A 153 -19.41 2.62 -4.91
C ALA A 153 -20.84 2.17 -4.81
N LEU A 154 -21.69 2.92 -4.15
CA LEU A 154 -23.08 2.55 -3.91
C LEU A 154 -23.99 3.71 -4.31
N ARG A 155 -24.80 3.48 -5.33
CA ARG A 155 -25.78 4.47 -5.75
C ARG A 155 -26.91 4.63 -4.74
N ALA A 156 -27.53 5.80 -4.76
CA ALA A 156 -28.69 6.08 -3.94
C ALA A 156 -29.82 5.08 -4.15
N ASP A 157 -29.95 4.56 -5.37
CA ASP A 157 -31.01 3.56 -5.62
C ASP A 157 -30.65 2.14 -5.18
N GLY A 158 -29.51 1.97 -4.52
CA GLY A 158 -29.09 0.69 -3.98
C GLY A 158 -28.17 -0.11 -4.87
N ARG A 159 -27.83 0.37 -6.07
CA ARG A 159 -26.94 -0.40 -6.95
C ARG A 159 -25.51 -0.26 -6.47
N PHE A 160 -24.90 -1.37 -6.05
CA PHE A 160 -23.46 -1.50 -5.86
C PHE A 160 -22.83 -1.68 -7.23
N THR A 161 -22.10 -0.67 -7.68
CA THR A 161 -21.60 -0.69 -9.06
C THR A 161 -20.21 -1.23 -9.27
N GLY A 162 -19.42 -1.33 -8.21
CA GLY A 162 -18.06 -1.84 -8.31
C GLY A 162 -17.23 -1.32 -7.17
N GLY A 163 -16.02 -1.79 -7.10
CA GLY A 163 -15.14 -1.37 -6.00
C GLY A 163 -13.70 -1.69 -6.25
N LEU A 164 -12.89 -1.43 -5.24
CA LEU A 164 -11.44 -1.58 -5.30
C LEU A 164 -10.96 -2.22 -4.02
N ILE A 165 -9.81 -2.89 -4.09
CA ILE A 165 -9.17 -3.51 -2.95
C ILE A 165 -7.68 -3.21 -2.94
N ALA A 166 -7.18 -2.77 -1.80
CA ALA A 166 -5.73 -2.54 -1.62
C ALA A 166 -5.35 -3.10 -0.27
N PRO A 167 -4.05 -3.29 -0.02
CA PRO A 167 -3.66 -3.67 1.33
C PRO A 167 -3.95 -2.58 2.33
N GLY A 168 -4.25 -2.93 3.56
CA GLY A 168 -4.46 -1.95 4.61
C GLY A 168 -3.11 -1.44 5.12
N TRP A 169 -3.16 -0.41 5.94
CA TRP A 169 -1.92 0.25 6.42
C TRP A 169 -0.94 -0.71 7.05
N ALA A 170 -1.41 -1.54 7.97
CA ALA A 170 -0.49 -2.41 8.69
C ALA A 170 0.10 -3.49 7.79
N LEU A 171 -0.70 -3.99 6.86
CA LEU A 171 -0.22 -4.95 5.90
C LEU A 171 0.84 -4.33 4.97
N MET A 172 0.60 -3.11 4.53
CA MET A 172 1.63 -2.40 3.75
C MET A 172 2.92 -2.33 4.54
N MET A 173 2.82 -1.91 5.80
CA MET A 173 4.03 -1.76 6.66
C MET A 173 4.77 -3.10 6.76
N ARG A 174 4.04 -4.17 7.05
CA ARG A 174 4.69 -5.46 7.22
C ARG A 174 5.34 -5.94 5.94
N SER A 175 4.69 -5.69 4.80
CA SER A 175 5.18 -6.16 3.51
C SER A 175 6.56 -5.59 3.22
N LEU A 176 6.74 -4.35 3.61
CA LEU A 176 8.02 -3.67 3.39
C LEU A 176 9.14 -4.27 4.22
N GLY A 177 8.86 -4.61 5.47
CA GLY A 177 9.91 -5.25 6.28
C GLY A 177 10.20 -6.68 5.86
N MET A 178 9.16 -7.40 5.46
CA MET A 178 9.30 -8.81 5.12
CA MET A 178 9.29 -8.81 5.11
C MET A 178 9.94 -9.03 3.75
N HIS A 179 9.95 -8.03 2.89
CA HIS A 179 10.39 -8.24 1.52
C HIS A 179 11.46 -7.25 1.10
N THR A 180 12.16 -6.65 2.05
CA THR A 180 13.40 -5.93 1.75
C THR A 180 14.43 -6.30 2.77
N ALA A 181 15.70 -6.14 2.43
CA ALA A 181 16.76 -6.50 3.34
C ALA A 181 16.87 -5.51 4.49
N GLN A 182 16.73 -4.21 4.23
CA GLN A 182 17.10 -3.20 5.21
C GLN A 182 15.96 -2.58 5.98
N LEU A 183 14.73 -2.71 5.51
CA LEU A 183 13.64 -2.08 6.22
C LEU A 183 13.18 -2.94 7.36
N PRO A 184 12.92 -2.32 8.51
CA PRO A 184 12.47 -3.13 9.65
C PRO A 184 11.04 -3.66 9.46
N THR A 185 10.81 -4.87 10.00
CA THR A 185 9.46 -5.39 10.17
C THR A 185 9.03 -4.96 11.54
N VAL A 186 8.24 -3.90 11.61
CA VAL A 186 7.86 -3.40 12.91
CA VAL A 186 7.79 -3.33 12.86
C VAL A 186 6.84 -4.30 13.57
N SER A 187 7.03 -4.47 14.86
CA SER A 187 6.13 -5.32 15.66
C SER A 187 4.71 -4.83 15.65
N ILE A 188 3.80 -5.68 16.11
CA ILE A 188 2.41 -5.29 16.22
CA ILE A 188 2.42 -5.31 16.26
C ILE A 188 2.27 -4.06 17.12
N ASP A 189 2.92 -4.08 18.27
CA ASP A 189 2.85 -2.95 19.19
C ASP A 189 3.50 -1.70 18.63
N ALA A 190 4.65 -1.84 17.98
CA ALA A 190 5.31 -0.65 17.46
C ALA A 190 4.52 -0.07 16.29
N ALA A 191 3.88 -0.94 15.49
CA ALA A 191 3.03 -0.45 14.40
C ALA A 191 1.84 0.33 14.96
N THR A 192 1.22 -0.20 16.00
CA THR A 192 0.14 0.53 16.65
C THR A 192 0.63 1.89 17.16
N SER A 193 1.83 1.94 17.74
CA SER A 193 2.37 3.24 18.20
C SER A 193 2.57 4.22 17.04
N LEU A 194 3.13 3.73 15.93
CA LEU A 194 3.31 4.61 14.75
C LEU A 194 2.00 5.07 14.17
N LEU A 195 0.99 4.21 14.15
CA LEU A 195 -0.31 4.64 13.67
C LEU A 195 -0.92 5.71 14.57
N ASP A 196 -0.79 5.52 15.87
CA ASP A 196 -1.29 6.49 16.82
C ASP A 196 -0.55 7.81 16.65
N GLU A 197 0.74 7.77 16.34
CA GLU A 197 1.47 9.03 16.06
C GLU A 197 0.89 9.73 14.84
N LEU A 198 0.61 9.00 13.78
CA LEU A 198 -0.04 9.59 12.61
C LEU A 198 -1.38 10.25 12.96
N ALA A 199 -2.13 9.63 13.87
CA ALA A 199 -3.43 10.15 14.25
C ALA A 199 -3.33 11.43 15.08
N ALA A 200 -2.14 11.71 15.59
CA ALA A 200 -1.80 13.03 16.22
C ALA A 200 -1.26 14.13 15.24
N ASN A 201 -1.01 13.77 14.01
CA ASN A 201 -0.52 14.76 13.03
C ASN A 201 -1.52 15.82 12.65
N ASP A 202 -1.04 17.03 12.43
CA ASP A 202 -1.75 18.10 11.66
C ASP A 202 -1.98 17.76 10.16
N ALA A 203 -2.84 18.55 9.52
CA ALA A 203 -3.05 18.43 8.06
C ALA A 203 -1.77 18.71 7.29
N HIS A 204 -1.64 18.13 6.09
CA HIS A 204 -0.51 18.44 5.20
C HIS A 204 0.85 18.16 5.84
N ALA A 205 0.93 17.03 6.52
CA ALA A 205 2.19 16.57 7.13
C ALA A 205 3.29 16.49 6.07
N PRO A 206 4.51 16.90 6.45
CA PRO A 206 5.58 16.78 5.50
C PRO A 206 6.18 15.39 5.52
N PHE A 207 7.12 15.21 4.62
CA PHE A 207 7.84 13.96 4.50
C PHE A 207 8.71 13.70 5.73
N ALA A 208 9.19 12.46 5.86
CA ALA A 208 9.92 12.02 7.05
C ALA A 208 11.42 12.07 6.91
N ILE A 209 12.09 12.13 8.05
CA ILE A 209 13.55 12.17 8.06
CA ILE A 209 13.55 12.19 8.07
C ILE A 209 14.18 11.00 8.79
N ASP A 210 13.42 9.94 8.92
CA ASP A 210 13.89 8.70 9.57
C ASP A 210 13.09 7.54 9.02
N THR A 211 13.69 6.36 9.01
CA THR A 211 13.10 5.22 8.34
C THR A 211 11.72 4.79 8.88
N PRO A 212 11.56 4.61 10.20
CA PRO A 212 10.24 4.16 10.65
C PRO A 212 9.12 5.10 10.27
N HIS A 213 9.37 6.40 10.33
CA HIS A 213 8.37 7.38 9.97
C HIS A 213 8.20 7.55 8.48
N ALA A 214 9.24 7.25 7.72
CA ALA A 214 9.11 7.21 6.28
C ALA A 214 8.19 6.11 5.84
N LEU A 215 8.27 4.98 6.52
CA LEU A 215 7.34 3.85 6.29
C LEU A 215 5.95 4.23 6.72
N SER A 216 5.80 4.70 7.95
CA SER A 216 4.43 4.96 8.46
C SER A 216 3.71 5.99 7.62
N ALA A 217 4.38 7.10 7.32
CA ALA A 217 3.79 8.16 6.51
C ALA A 217 3.61 7.74 5.07
N GLY A 218 4.56 6.98 4.51
CA GLY A 218 4.41 6.55 3.13
C GLY A 218 3.19 5.68 2.96
N CYS A 219 3.02 4.75 3.86
CA CYS A 219 1.86 3.86 3.81
C CYS A 219 0.58 4.63 4.08
N LEU A 220 0.62 5.60 4.99
CA LEU A 220 -0.58 6.41 5.25
C LEU A 220 -0.96 7.25 4.04
N GLN A 221 0.04 7.87 3.42
CA GLN A 221 -0.26 8.70 2.24
C GLN A 221 -0.77 7.87 1.09
N ALA A 222 -0.32 6.62 0.96
CA ALA A 222 -0.87 5.72 -0.06
C ALA A 222 -2.37 5.46 0.20
N GLN A 223 -2.74 5.27 1.45
CA GLN A 223 -4.16 5.09 1.82
C GLN A 223 -4.96 6.36 1.49
N ALA A 224 -4.46 7.51 1.91
CA ALA A 224 -5.19 8.75 1.70
C ALA A 224 -5.29 9.05 0.23
N GLY A 225 -4.21 8.82 -0.50
CA GLY A 225 -4.18 9.06 -1.92
C GLY A 225 -5.16 8.20 -2.69
N LEU A 226 -5.27 6.92 -2.31
CA LEU A 226 -6.22 6.05 -2.95
C LEU A 226 -7.63 6.57 -2.74
N ILE A 227 -7.98 6.88 -1.49
CA ILE A 227 -9.34 7.24 -1.16
CA ILE A 227 -9.36 7.23 -1.15
C ILE A 227 -9.76 8.53 -1.84
N GLU A 228 -8.88 9.53 -1.81
CA GLU A 228 -9.23 10.81 -2.40
C GLU A 228 -9.34 10.72 -3.91
N ARG A 229 -8.44 9.99 -4.54
CA ARG A 229 -8.46 9.87 -5.99
C ARG A 229 -9.76 9.13 -6.43
N ALA A 230 -10.12 8.09 -5.71
CA ALA A 230 -11.31 7.30 -6.04
C ALA A 230 -12.57 8.16 -5.84
N TRP A 231 -12.61 8.91 -4.74
CA TRP A 231 -13.77 9.76 -4.47
C TRP A 231 -13.99 10.84 -5.53
N ARG A 232 -12.92 11.53 -5.89
CA ARG A 232 -13.03 12.54 -6.94
C ARG A 232 -13.45 11.91 -8.26
N ASP A 233 -12.87 10.75 -8.59
CA ASP A 233 -13.24 10.03 -9.83
C ASP A 233 -14.73 9.67 -9.82
N LEU A 234 -15.25 9.26 -8.67
CA LEU A 234 -16.64 8.87 -8.59
C LEU A 234 -17.59 10.06 -8.71
N GLU A 235 -17.27 11.16 -8.04
CA GLU A 235 -18.10 12.36 -8.21
C GLU A 235 -18.10 12.79 -9.66
N LYS A 236 -16.96 12.74 -10.31
CA LYS A 236 -16.89 13.18 -11.70
C LYS A 236 -17.66 12.22 -12.62
N ALA A 237 -17.63 10.93 -12.31
CA ALA A 237 -18.35 9.96 -13.13
C ALA A 237 -19.86 10.08 -12.97
N TRP A 238 -20.31 10.20 -11.73
CA TRP A 238 -21.72 10.19 -11.41
C TRP A 238 -22.36 11.59 -11.53
N LYS A 239 -21.54 12.63 -11.56
CA LYS A 239 -22.04 13.99 -11.66
C LYS A 239 -23.05 14.32 -10.58
N ALA A 240 -22.68 13.96 -9.36
CA ALA A 240 -23.57 14.19 -8.21
C ALA A 240 -22.69 14.13 -6.98
N PRO A 241 -23.16 14.69 -5.87
CA PRO A 241 -22.40 14.61 -4.63
C PRO A 241 -22.35 13.16 -4.14
N VAL A 242 -21.17 12.79 -3.63
CA VAL A 242 -20.96 11.45 -3.07
C VAL A 242 -20.46 11.63 -1.64
N ARG A 243 -21.15 10.95 -0.70
CA ARG A 243 -20.68 10.91 0.68
C ARG A 243 -19.64 9.82 0.86
N LEU A 244 -18.42 10.24 1.21
CA LEU A 244 -17.36 9.32 1.57
C LEU A 244 -17.56 8.88 3.00
N VAL A 245 -17.74 7.57 3.21
CA VAL A 245 -18.01 7.02 4.52
C VAL A 245 -16.86 6.11 4.89
N LEU A 246 -16.24 6.38 6.04
CA LEU A 246 -15.04 5.68 6.49
C LEU A 246 -15.31 4.85 7.71
N SER A 247 -14.60 3.72 7.79
CA SER A 247 -14.80 2.73 8.86
CA SER A 247 -14.73 2.85 8.94
C SER A 247 -13.42 2.14 9.21
N GLY A 248 -13.19 1.81 10.47
CA GLY A 248 -12.02 1.04 10.85
C GLY A 248 -10.95 1.73 11.64
N GLY A 249 -10.09 0.95 12.25
CA GLY A 249 -9.03 1.44 13.17
C GLY A 249 -8.12 2.50 12.57
N ALA A 250 -7.77 2.35 11.30
CA ALA A 250 -6.82 3.28 10.69
C ALA A 250 -7.49 4.57 10.28
N ALA A 251 -8.81 4.68 10.41
CA ALA A 251 -9.48 5.90 9.99
C ALA A 251 -9.02 7.10 10.77
N ASP A 252 -8.72 6.94 12.07
CA ASP A 252 -8.33 8.13 12.84
C ASP A 252 -7.10 8.76 12.19
N ALA A 253 -6.11 7.94 11.86
CA ALA A 253 -4.90 8.45 11.19
C ALA A 253 -5.18 8.95 9.79
N ILE A 254 -5.98 8.21 9.04
CA ILE A 254 -6.27 8.63 7.66
C ILE A 254 -6.99 9.99 7.61
N VAL A 255 -7.92 10.23 8.53
CA VAL A 255 -8.67 11.50 8.60
C VAL A 255 -7.76 12.70 8.80
N ARG A 256 -6.67 12.55 9.57
CA ARG A 256 -5.75 13.66 9.71
C ARG A 256 -5.12 14.11 8.39
N ALA A 257 -4.92 13.18 7.46
CA ALA A 257 -4.33 13.44 6.17
C ALA A 257 -5.37 13.86 5.14
N LEU A 258 -6.62 13.46 5.30
CA LEU A 258 -7.61 13.80 4.27
C LEU A 258 -7.94 15.28 4.20
N THR A 259 -8.16 15.79 3.00
CA THR A 259 -8.63 17.16 2.85
C THR A 259 -10.06 17.21 2.36
N VAL A 260 -10.59 16.07 1.96
CA VAL A 260 -11.91 16.01 1.39
C VAL A 260 -12.93 15.72 2.50
N PRO A 261 -14.20 16.07 2.27
CA PRO A 261 -15.20 15.83 3.32
C PRO A 261 -15.42 14.34 3.52
N HIS A 262 -15.76 13.97 4.74
CA HIS A 262 -15.96 12.55 5.04
C HIS A 262 -16.86 12.39 6.24
N THR A 263 -17.43 11.18 6.34
CA THR A 263 -18.29 10.79 7.44
C THR A 263 -17.73 9.51 8.03
N ARG A 264 -17.77 9.37 9.34
CA ARG A 264 -17.31 8.16 10.03
C ARG A 264 -18.53 7.31 10.42
N HIS A 265 -18.50 6.03 10.06
CA HIS A 265 -19.52 5.08 10.54
C HIS A 265 -18.83 3.74 10.74
N ASP A 266 -18.61 3.37 12.00
CA ASP A 266 -17.79 2.21 12.27
C ASP A 266 -18.64 0.94 12.47
N THR A 267 -19.95 0.98 12.28
CA THR A 267 -20.76 -0.24 12.49
C THR A 267 -21.57 -0.66 11.27
N LEU A 268 -21.09 -0.32 10.08
CA LEU A 268 -21.85 -0.67 8.87
C LEU A 268 -22.04 -2.17 8.68
N VAL A 269 -20.99 -2.95 8.90
CA VAL A 269 -21.07 -4.40 8.65
C VAL A 269 -21.99 -5.08 9.66
N LEU A 270 -21.79 -4.78 10.93
CA LEU A 270 -22.71 -5.36 11.93
C LEU A 270 -24.14 -4.87 11.76
N THR A 271 -24.32 -3.62 11.32
CA THR A 271 -25.66 -3.12 11.05
C THR A 271 -26.29 -3.89 9.87
N GLY A 272 -25.51 -4.13 8.83
CA GLY A 272 -26.00 -4.90 7.72
C GLY A 272 -26.39 -6.31 8.11
N LEU A 273 -25.60 -6.92 8.98
CA LEU A 273 -25.96 -8.24 9.50
C LEU A 273 -27.24 -8.18 10.31
N ALA A 274 -27.40 -7.12 11.10
CA ALA A 274 -28.64 -6.95 11.85
C ALA A 274 -29.85 -6.81 10.93
N LEU A 275 -29.71 -6.09 9.83
CA LEU A 275 -30.78 -5.88 8.87
C LEU A 275 -31.13 -7.20 8.16
N ILE A 276 -30.13 -7.97 7.81
CA ILE A 276 -30.35 -9.29 7.21
C ILE A 276 -31.07 -10.14 8.23
N ALA A 277 -30.56 -10.21 9.45
CA ALA A 277 -31.18 -11.10 10.47
C ALA A 277 -32.62 -10.76 10.73
N HIS A 278 -32.91 -9.47 10.79
CA HIS A 278 -34.24 -9.00 11.14
C HIS A 278 -35.14 -8.80 9.93
N SER A 279 -34.75 -9.32 8.75
CA SER A 279 -35.54 -9.17 7.52
C SER A 279 -36.55 -10.32 7.36
N VAL B 25 37.82 3.65 -17.21
CA VAL B 25 36.37 3.39 -16.95
C VAL B 25 36.09 2.85 -15.55
N CYS B 26 34.89 3.13 -15.07
CA CYS B 26 34.47 2.79 -13.72
C CYS B 26 33.25 1.87 -13.82
N LEU B 27 33.26 0.79 -13.04
CA LEU B 27 32.12 -0.10 -12.95
C LEU B 27 31.19 0.37 -11.84
N LEU B 28 29.92 0.53 -12.15
CA LEU B 28 28.94 1.06 -11.20
C LEU B 28 27.85 0.04 -10.97
N ILE B 29 27.60 -0.28 -9.70
CA ILE B 29 26.65 -1.33 -9.32
CA ILE B 29 26.65 -1.32 -9.35
C ILE B 29 25.57 -0.74 -8.42
N ASP B 30 24.32 -0.92 -8.85
CA ASP B 30 23.12 -0.50 -8.09
C ASP B 30 22.32 -1.75 -7.77
N ALA B 31 22.59 -2.34 -6.60
CA ALA B 31 21.91 -3.57 -6.18
C ALA B 31 20.74 -3.21 -5.31
N GLY B 32 19.55 -3.52 -5.83
CA GLY B 32 18.32 -3.39 -5.10
C GLY B 32 17.77 -4.74 -4.71
N ASN B 33 16.62 -4.72 -4.06
CA ASN B 33 16.03 -5.98 -3.57
C ASN B 33 15.53 -6.89 -4.68
N SER B 34 15.22 -6.34 -5.85
CA SER B 34 14.67 -7.12 -6.94
CA SER B 34 14.68 -7.17 -6.92
C SER B 34 15.69 -7.42 -8.03
N ARG B 35 16.52 -6.44 -8.34
CA ARG B 35 17.57 -6.67 -9.29
C ARG B 35 18.79 -5.83 -9.07
N ILE B 36 19.85 -6.29 -9.72
CA ILE B 36 21.09 -5.56 -9.73
C ILE B 36 21.24 -4.89 -11.09
N LYS B 37 21.33 -3.57 -11.03
CA LYS B 37 21.62 -2.76 -12.23
C LYS B 37 23.09 -2.38 -12.23
N TRP B 38 23.64 -2.19 -13.43
CA TRP B 38 25.04 -1.85 -13.56
C TRP B 38 25.30 -1.00 -14.79
N ALA B 39 26.40 -0.27 -14.76
CA ALA B 39 26.85 0.48 -15.92
C ALA B 39 28.36 0.54 -15.91
N LEU B 40 28.94 0.72 -17.09
CA LEU B 40 30.35 1.00 -17.20
C LEU B 40 30.48 2.45 -17.66
N ALA B 41 31.09 3.30 -16.84
CA ALA B 41 31.17 4.75 -17.08
C ALA B 41 32.60 5.24 -17.34
N ASP B 42 32.77 6.01 -18.40
CA ASP B 42 34.08 6.61 -18.70
C ASP B 42 34.22 8.04 -18.12
N THR B 43 33.11 8.62 -17.66
CA THR B 43 33.11 9.91 -16.92
C THR B 43 32.02 9.90 -15.85
N GLY B 44 31.88 11.01 -15.11
CA GLY B 44 30.75 11.20 -14.21
C GLY B 44 29.41 11.26 -14.93
N ARG B 45 29.45 11.42 -16.26
CA ARG B 45 28.25 11.71 -17.06
C ARG B 45 27.95 10.77 -18.26
N HIS B 46 28.80 9.79 -18.57
CA HIS B 46 28.61 8.96 -19.78
C HIS B 46 28.78 7.44 -19.56
N PHE B 47 27.82 6.64 -20.08
CA PHE B 47 27.89 5.17 -19.99
C PHE B 47 28.37 4.54 -21.29
N VAL B 48 29.41 3.72 -21.19
CA VAL B 48 29.87 2.89 -22.31
C VAL B 48 28.83 1.80 -22.58
N THR B 49 28.34 1.18 -21.51
CA THR B 49 27.26 0.22 -21.63
C THR B 49 26.62 0.05 -20.23
N SER B 50 25.48 -0.63 -20.17
CA SER B 50 24.77 -0.86 -18.92
C SER B 50 23.90 -2.11 -19.06
N GLY B 51 23.27 -2.47 -17.94
CA GLY B 51 22.33 -3.58 -17.97
C GLY B 51 21.80 -3.86 -16.58
N ALA B 52 21.10 -4.99 -16.48
CA ALA B 52 20.49 -5.43 -15.24
C ALA B 52 20.39 -6.93 -15.20
N PHE B 53 20.39 -7.48 -13.99
CA PHE B 53 20.13 -8.91 -13.81
C PHE B 53 19.57 -9.22 -12.45
N GLU B 54 18.99 -10.41 -12.34
CA GLU B 54 18.38 -10.80 -11.09
C GLU B 54 19.45 -11.42 -10.18
N HIS B 55 19.27 -11.32 -8.88
CA HIS B 55 20.25 -11.86 -7.93
C HIS B 55 20.69 -13.29 -8.27
N ALA B 56 19.77 -14.24 -8.23
CA ALA B 56 20.03 -15.61 -8.67
C ALA B 56 19.11 -15.94 -9.85
N ASP B 57 19.39 -16.98 -10.62
CA ASP B 57 20.70 -17.62 -10.71
C ASP B 57 21.28 -17.08 -12.01
N ASP B 58 21.12 -15.78 -12.21
CA ASP B 58 21.50 -15.12 -13.43
C ASP B 58 22.80 -14.38 -13.16
N THR B 59 23.40 -13.83 -14.22
CA THR B 59 24.70 -13.21 -14.15
C THR B 59 24.85 -12.21 -15.32
N PRO B 60 25.60 -11.13 -15.13
CA PRO B 60 25.75 -10.22 -16.24
C PRO B 60 26.73 -10.72 -17.29
N ASP B 61 26.57 -10.27 -18.52
CA ASP B 61 27.56 -10.55 -19.53
C ASP B 61 28.60 -9.43 -19.52
N TRP B 62 29.70 -9.71 -18.82
CA TRP B 62 30.82 -8.77 -18.69
C TRP B 62 32.02 -9.25 -19.48
N SER B 63 31.84 -10.28 -20.31
CA SER B 63 32.93 -10.90 -21.07
CA SER B 63 32.94 -10.90 -21.05
C SER B 63 33.53 -9.98 -22.12
N THR B 64 32.71 -9.11 -22.72
CA THR B 64 33.17 -8.20 -23.76
C THR B 64 33.42 -6.78 -23.25
N LEU B 65 33.54 -6.61 -21.92
CA LEU B 65 33.74 -5.30 -21.31
C LEU B 65 35.22 -4.91 -21.17
N PRO B 66 35.55 -3.64 -21.45
CA PRO B 66 36.89 -3.10 -21.12
C PRO B 66 37.13 -3.11 -19.61
N ALA B 67 38.33 -3.52 -19.19
CA ALA B 67 38.67 -3.63 -17.76
C ALA B 67 38.45 -2.30 -17.03
N PRO B 68 37.75 -2.32 -15.88
CA PRO B 68 37.55 -1.10 -15.11
C PRO B 68 38.70 -0.77 -14.17
N ARG B 69 38.83 0.51 -13.81
CA ARG B 69 39.83 0.95 -12.84
C ARG B 69 39.39 0.70 -11.39
N GLY B 70 38.08 0.63 -11.18
CA GLY B 70 37.56 0.29 -9.87
C GLY B 70 36.06 0.12 -9.99
N ALA B 71 35.42 -0.39 -8.93
CA ALA B 71 33.96 -0.51 -8.85
C ALA B 71 33.39 0.34 -7.72
N TRP B 72 32.22 0.93 -7.97
CA TRP B 72 31.48 1.68 -6.97
C TRP B 72 30.12 1.01 -6.82
N ILE B 73 29.82 0.55 -5.60
CA ILE B 73 28.72 -0.37 -5.34
C ILE B 73 27.74 0.25 -4.34
N SER B 74 26.50 0.44 -4.78
CA SER B 74 25.39 0.69 -3.88
C SER B 74 24.65 -0.64 -3.71
N ASN B 75 24.42 -1.04 -2.47
CA ASN B 75 23.77 -2.30 -2.21
C ASN B 75 22.85 -2.23 -1.01
N VAL B 76 21.54 -2.30 -1.26
CA VAL B 76 20.55 -2.26 -0.21
C VAL B 76 19.91 -3.65 -0.05
N ALA B 77 20.50 -4.66 -0.69
CA ALA B 77 19.88 -5.99 -0.75
C ALA B 77 20.48 -6.97 0.25
N GLY B 78 21.40 -6.51 1.10
CA GLY B 78 21.93 -7.32 2.19
C GLY B 78 23.29 -7.92 1.98
N ASP B 79 23.81 -8.49 3.05
CA ASP B 79 25.16 -9.03 3.06
C ASP B 79 25.35 -10.12 2.00
N ALA B 80 24.32 -10.92 1.76
CA ALA B 80 24.43 -11.99 0.75
C ALA B 80 24.67 -11.44 -0.65
N ALA B 81 23.89 -10.43 -1.03
CA ALA B 81 24.04 -9.80 -2.33
C ALA B 81 25.43 -9.22 -2.43
N ALA B 82 25.95 -8.74 -1.31
CA ALA B 82 27.27 -8.12 -1.30
C ALA B 82 28.31 -9.16 -1.63
N ALA B 83 28.09 -10.38 -1.16
CA ALA B 83 28.99 -11.51 -1.47
C ALA B 83 28.88 -11.94 -2.93
N ARG B 84 27.67 -12.05 -3.47
CA ARG B 84 27.47 -12.39 -4.89
C ARG B 84 28.14 -11.35 -5.80
N ILE B 85 28.03 -10.08 -5.44
CA ILE B 85 28.61 -9.01 -6.24
C ILE B 85 30.15 -9.09 -6.24
N ASP B 86 30.73 -9.22 -5.05
CA ASP B 86 32.19 -9.40 -4.90
C ASP B 86 32.71 -10.55 -5.74
N ALA B 87 32.06 -11.71 -5.61
CA ALA B 87 32.47 -12.90 -6.38
C ALA B 87 32.41 -12.63 -7.88
N LEU B 88 31.40 -11.88 -8.29
CA LEU B 88 31.18 -11.55 -9.69
C LEU B 88 32.30 -10.67 -10.19
N ILE B 89 32.60 -9.63 -9.41
CA ILE B 89 33.72 -8.72 -9.75
C ILE B 89 35.04 -9.49 -9.79
N ASP B 90 35.30 -10.27 -8.74
CA ASP B 90 36.54 -11.04 -8.64
C ASP B 90 36.71 -12.07 -9.75
N ALA B 91 35.60 -12.62 -10.24
CA ALA B 91 35.65 -13.61 -11.33
C ALA B 91 36.14 -13.01 -12.64
N HIS B 92 35.91 -11.71 -12.84
CA HIS B 92 36.37 -11.04 -14.06
C HIS B 92 37.66 -10.25 -13.84
N TRP B 93 37.74 -9.52 -12.73
CA TRP B 93 38.88 -8.65 -12.40
C TRP B 93 39.34 -8.84 -10.96
N PRO B 94 40.10 -9.93 -10.70
CA PRO B 94 40.52 -10.31 -9.35
C PRO B 94 41.09 -9.15 -8.54
N ALA B 95 40.59 -8.97 -7.32
CA ALA B 95 41.02 -7.89 -6.42
C ALA B 95 40.92 -6.48 -7.03
N LEU B 96 39.96 -6.28 -7.94
CA LEU B 96 39.64 -4.95 -8.44
C LEU B 96 39.32 -4.03 -7.25
N PRO B 97 39.90 -2.81 -7.24
CA PRO B 97 39.49 -1.84 -6.22
C PRO B 97 37.98 -1.61 -6.23
N ARG B 98 37.36 -1.61 -5.06
CA ARG B 98 35.92 -1.32 -4.99
C ARG B 98 35.57 -0.53 -3.74
N THR B 99 34.47 0.20 -3.84
CA THR B 99 34.06 1.12 -2.79
C THR B 99 32.58 0.87 -2.59
N VAL B 100 32.19 0.48 -1.38
CA VAL B 100 30.78 0.36 -1.01
C VAL B 100 30.29 1.78 -0.72
N VAL B 101 29.27 2.22 -1.46
CA VAL B 101 28.78 3.58 -1.31
C VAL B 101 27.69 3.58 -0.22
N ARG B 102 27.80 4.54 0.69
CA ARG B 102 26.81 4.80 1.72
C ARG B 102 26.38 6.25 1.75
N ALA B 103 25.11 6.48 2.14
CA ALA B 103 24.66 7.84 2.39
C ALA B 103 25.48 8.49 3.49
N CYS B 104 25.66 9.79 3.37
CA CYS B 104 26.45 10.56 4.32
C CYS B 104 25.85 11.96 4.45
N ALA B 105 26.51 12.85 5.20
CA ALA B 105 25.91 14.13 5.49
C ALA B 105 25.79 15.00 4.26
N ALA B 106 26.77 14.90 3.36
CA ALA B 106 26.85 15.81 2.23
C ALA B 106 27.81 15.25 1.20
N GLN B 107 27.40 15.31 -0.06
CA GLN B 107 28.21 14.77 -1.12
C GLN B 107 27.71 15.28 -2.44
N CYS B 108 28.63 15.64 -3.34
CA CYS B 108 28.26 16.00 -4.70
C CYS B 108 27.16 17.05 -4.81
N GLY B 109 27.19 18.04 -3.93
CA GLY B 109 26.22 19.13 -3.94
C GLY B 109 24.89 18.88 -3.24
N VAL B 110 24.73 17.67 -2.72
CA VAL B 110 23.50 17.33 -1.98
C VAL B 110 23.80 17.27 -0.49
N THR B 111 22.86 17.81 0.30
CA THR B 111 22.99 17.70 1.76
CA THR B 111 22.96 17.78 1.76
C THR B 111 21.83 16.87 2.29
N ASN B 112 22.16 15.94 3.18
CA ASN B 112 21.24 14.90 3.69
C ASN B 112 20.49 15.38 4.92
N GLY B 113 19.19 15.58 4.77
CA GLY B 113 18.32 16.01 5.87
C GLY B 113 17.87 14.94 6.82
N TYR B 114 18.27 13.69 6.61
CA TYR B 114 17.92 12.66 7.59
C TYR B 114 18.48 12.96 8.98
N ALA B 115 17.72 12.59 10.02
CA ALA B 115 18.22 12.74 11.40
C ALA B 115 19.57 12.01 11.59
N GLU B 116 19.65 10.81 10.98
CA GLU B 116 20.83 9.96 10.98
C GLU B 116 21.17 9.67 9.52
N PRO B 117 22.03 10.50 8.91
CA PRO B 117 22.22 10.47 7.45
C PRO B 117 22.59 9.11 6.88
N ALA B 118 23.37 8.33 7.61
CA ALA B 118 23.83 7.07 7.08
C ALA B 118 22.72 6.04 6.98
N ARG B 119 21.56 6.29 7.60
CA ARG B 119 20.46 5.34 7.52
CA ARG B 119 20.43 5.34 7.53
C ARG B 119 19.63 5.48 6.25
N LEU B 120 19.83 6.55 5.51
CA LEU B 120 19.18 6.67 4.21
C LEU B 120 19.73 5.60 3.24
N GLY B 121 18.85 4.98 2.49
CA GLY B 121 19.27 3.99 1.53
C GLY B 121 20.30 4.56 0.58
N SER B 122 21.36 3.80 0.32
CA SER B 122 22.43 4.27 -0.54
C SER B 122 21.92 4.49 -1.98
N ASP B 123 20.91 3.70 -2.41
CA ASP B 123 20.33 3.94 -3.72
C ASP B 123 19.61 5.30 -3.81
N ARG B 124 18.82 5.62 -2.78
CA ARG B 124 18.13 6.91 -2.72
C ARG B 124 19.14 8.04 -2.74
N TRP B 125 20.24 7.87 -2.00
CA TRP B 125 21.29 8.89 -1.94
C TRP B 125 21.92 9.11 -3.31
N ALA B 126 22.35 8.03 -3.96
CA ALA B 126 22.95 8.17 -5.29
C ALA B 126 21.94 8.81 -6.24
N GLY B 127 20.67 8.43 -6.12
CA GLY B 127 19.64 8.97 -6.99
C GLY B 127 19.49 10.47 -6.77
N LEU B 128 19.56 10.92 -5.51
CA LEU B 128 19.53 12.36 -5.21
C LEU B 128 20.68 13.10 -5.88
N ILE B 129 21.86 12.54 -5.78
CA ILE B 129 23.04 13.13 -6.42
C ILE B 129 22.84 13.18 -7.91
N GLY B 130 22.38 12.09 -8.51
CA GLY B 130 22.11 12.11 -9.97
C GLY B 130 21.07 13.17 -10.35
N ALA B 131 20.01 13.28 -9.55
CA ALA B 131 18.93 14.25 -9.83
C ALA B 131 19.39 15.70 -9.73
N HIS B 132 20.20 15.98 -8.72
CA HIS B 132 20.76 17.32 -8.51
C HIS B 132 21.57 17.74 -9.75
N ALA B 133 22.34 16.81 -10.30
CA ALA B 133 23.16 17.08 -11.49
C ALA B 133 22.33 17.16 -12.75
N ALA B 134 21.29 16.32 -12.84
CA ALA B 134 20.51 16.23 -14.09
C ALA B 134 19.55 17.38 -14.29
N PHE B 135 19.06 17.95 -13.18
CA PHE B 135 18.06 19.01 -13.24
C PHE B 135 18.48 20.16 -12.36
N PRO B 136 19.56 20.86 -12.76
CA PRO B 136 20.07 21.91 -11.89
C PRO B 136 19.11 23.09 -11.81
N GLY B 137 19.08 23.72 -10.64
CA GLY B 137 18.25 24.88 -10.41
C GLY B 137 16.77 24.66 -10.18
N GLU B 138 16.37 23.40 -10.03
CA GLU B 138 14.97 23.04 -9.89
C GLU B 138 14.71 22.34 -8.56
N HIS B 139 13.54 22.61 -8.00
CA HIS B 139 13.02 21.78 -6.92
C HIS B 139 12.50 20.50 -7.54
N LEU B 140 12.76 19.36 -6.89
CA LEU B 140 12.42 18.04 -7.40
C LEU B 140 11.69 17.18 -6.41
N LEU B 141 10.84 16.31 -6.95
CA LEU B 141 10.25 15.22 -6.19
C LEU B 141 10.64 13.99 -6.98
N ILE B 142 11.45 13.14 -6.39
CA ILE B 142 11.93 11.94 -7.07
C ILE B 142 11.08 10.76 -6.61
N ALA B 143 10.46 10.09 -7.57
CA ALA B 143 9.64 8.90 -7.31
C ALA B 143 10.28 7.70 -7.96
N THR B 144 10.58 6.68 -7.18
CA THR B 144 11.29 5.52 -7.69
C THR B 144 10.44 4.29 -7.45
N PHE B 145 10.11 3.61 -8.52
CA PHE B 145 9.18 2.49 -8.46
C PHE B 145 9.87 1.14 -8.51
N GLY B 146 10.43 0.69 -7.38
CA GLY B 146 11.01 -0.62 -7.26
C GLY B 146 10.21 -1.55 -6.37
N THR B 147 10.90 -2.43 -5.66
CA THR B 147 10.24 -3.28 -4.72
C THR B 147 9.37 -2.43 -3.80
N ALA B 148 10.00 -1.34 -3.34
CA ALA B 148 9.33 -0.28 -2.63
C ALA B 148 9.18 0.88 -3.59
N THR B 149 8.12 1.65 -3.39
CA THR B 149 7.95 2.95 -4.03
C THR B 149 8.49 4.01 -3.06
N THR B 150 9.53 4.72 -3.47
CA THR B 150 10.10 5.76 -2.64
C THR B 150 9.87 7.14 -3.23
N LEU B 151 9.81 8.11 -2.32
CA LEU B 151 9.77 9.53 -2.71
C LEU B 151 10.83 10.28 -1.90
N GLU B 152 11.54 11.17 -2.57
CA GLU B 152 12.44 12.13 -1.93
C GLU B 152 12.15 13.52 -2.43
N ALA B 153 12.11 14.46 -1.50
CA ALA B 153 12.00 15.89 -1.78
C ALA B 153 13.38 16.50 -1.79
N LEU B 154 13.73 17.19 -2.90
CA LEU B 154 15.06 17.74 -3.06
C LEU B 154 14.93 19.18 -3.52
N ARG B 155 15.43 20.08 -2.69
CA ARG B 155 15.48 21.49 -3.06
C ARG B 155 16.51 21.77 -4.16
N ALA B 156 16.30 22.85 -4.89
CA ALA B 156 17.22 23.30 -5.90
C ALA B 156 18.61 23.54 -5.34
N ASP B 157 18.69 23.99 -4.09
CA ASP B 157 19.99 24.18 -3.43
C ASP B 157 20.69 22.91 -2.97
N GLY B 158 20.11 21.75 -3.23
CA GLY B 158 20.75 20.51 -2.89
C GLY B 158 20.27 19.88 -1.59
N ARG B 159 19.41 20.55 -0.83
CA ARG B 159 18.92 20.03 0.45
CA ARG B 159 18.92 20.04 0.45
C ARG B 159 17.89 18.94 0.21
N PHE B 160 18.24 17.71 0.62
CA PHE B 160 17.27 16.61 0.66
C PHE B 160 16.52 16.78 1.97
N THR B 161 15.23 17.09 1.90
CA THR B 161 14.47 17.49 3.09
C THR B 161 13.73 16.37 3.77
N GLY B 162 13.55 15.27 3.08
CA GLY B 162 12.79 14.14 3.65
C GLY B 162 12.14 13.34 2.55
N GLY B 163 11.54 12.22 2.95
CA GLY B 163 10.98 11.33 1.96
C GLY B 163 9.96 10.39 2.55
N LEU B 164 9.46 9.49 1.72
CA LEU B 164 8.43 8.52 2.07
C LEU B 164 8.78 7.18 1.45
N ILE B 165 8.33 6.11 2.07
CA ILE B 165 8.50 4.74 1.56
C ILE B 165 7.17 4.00 1.66
N ALA B 166 6.74 3.43 0.55
CA ALA B 166 5.51 2.61 0.51
C ALA B 166 5.84 1.32 -0.25
N PRO B 167 5.00 0.29 -0.11
CA PRO B 167 5.23 -0.87 -0.96
C PRO B 167 4.98 -0.57 -2.42
N GLY B 168 5.73 -1.20 -3.30
CA GLY B 168 5.48 -1.13 -4.71
C GLY B 168 4.23 -1.83 -5.16
N TRP B 169 3.90 -1.70 -6.44
CA TRP B 169 2.66 -2.28 -6.95
CA TRP B 169 2.63 -2.30 -6.89
C TRP B 169 2.62 -3.82 -6.73
N ALA B 170 3.70 -4.49 -7.11
CA ALA B 170 3.74 -5.94 -7.01
C ALA B 170 3.67 -6.39 -5.58
N LEU B 171 4.37 -5.69 -4.70
CA LEU B 171 4.37 -6.04 -3.30
C LEU B 171 2.97 -5.85 -2.70
N MET B 172 2.30 -4.77 -3.06
CA MET B 172 0.95 -4.55 -2.57
C MET B 172 0.05 -5.71 -2.98
N MET B 173 0.09 -6.10 -4.26
CA MET B 173 -0.78 -7.17 -4.71
CA MET B 173 -0.73 -7.21 -4.76
C MET B 173 -0.41 -8.50 -4.06
N ARG B 174 0.87 -8.80 -3.94
CA ARG B 174 1.28 -10.04 -3.33
C ARG B 174 0.89 -10.12 -1.85
N SER B 175 0.93 -9.00 -1.16
CA SER B 175 0.63 -8.99 0.26
C SER B 175 -0.81 -9.39 0.50
N LEU B 176 -1.69 -8.97 -0.40
CA LEU B 176 -3.10 -9.34 -0.29
C LEU B 176 -3.35 -10.82 -0.53
N GLY B 177 -2.67 -11.39 -1.50
CA GLY B 177 -2.85 -12.84 -1.77
C GLY B 177 -2.27 -13.70 -0.66
N MET B 178 -1.19 -13.24 -0.03
CA MET B 178 -0.51 -14.04 0.98
CA MET B 178 -0.50 -14.04 0.99
C MET B 178 -1.07 -13.86 2.40
N HIS B 179 -1.83 -12.80 2.65
CA HIS B 179 -2.25 -12.48 3.99
C HIS B 179 -3.74 -12.24 4.13
N THR B 180 -4.51 -12.79 3.19
CA THR B 180 -5.95 -12.97 3.37
C THR B 180 -6.30 -14.38 3.00
N ALA B 181 -7.43 -14.86 3.52
CA ALA B 181 -7.90 -16.21 3.19
C ALA B 181 -8.44 -16.35 1.78
N GLN B 182 -9.05 -15.31 1.22
CA GLN B 182 -9.84 -15.44 -0.01
C GLN B 182 -9.27 -14.76 -1.24
N LEU B 183 -8.31 -13.86 -1.13
CA LEU B 183 -7.86 -13.15 -2.31
C LEU B 183 -6.80 -13.87 -3.12
N PRO B 184 -6.85 -13.75 -4.44
CA PRO B 184 -5.84 -14.36 -5.29
C PRO B 184 -4.55 -13.56 -5.29
N THR B 185 -3.50 -14.17 -5.83
CA THR B 185 -2.21 -13.48 -6.03
C THR B 185 -2.02 -13.10 -7.50
N VAL B 186 -1.88 -11.80 -7.77
CA VAL B 186 -1.87 -11.24 -9.13
C VAL B 186 -0.53 -10.54 -9.38
N SER B 187 0.15 -10.92 -10.48
CA SER B 187 1.43 -10.30 -10.83
C SER B 187 1.25 -9.00 -11.62
N ILE B 188 2.32 -8.22 -11.78
CA ILE B 188 2.26 -6.98 -12.58
C ILE B 188 1.82 -7.28 -14.01
N ASP B 189 2.36 -8.33 -14.60
CA ASP B 189 2.03 -8.68 -15.99
C ASP B 189 0.55 -9.01 -16.12
N ALA B 190 0.07 -9.85 -15.21
CA ALA B 190 -1.36 -10.21 -15.14
C ALA B 190 -2.25 -9.00 -14.90
N ALA B 191 -1.92 -8.16 -13.92
CA ALA B 191 -2.71 -6.94 -13.66
C ALA B 191 -2.71 -5.97 -14.84
N THR B 192 -1.57 -5.84 -15.47
CA THR B 192 -1.50 -4.97 -16.63
C THR B 192 -2.48 -5.45 -17.73
N SER B 193 -2.51 -6.75 -17.98
CA SER B 193 -3.44 -7.26 -18.99
C SER B 193 -4.91 -7.09 -18.56
N LEU B 194 -5.20 -7.24 -17.28
CA LEU B 194 -6.58 -7.08 -16.79
C LEU B 194 -7.06 -5.64 -16.95
N LEU B 195 -6.20 -4.67 -16.62
CA LEU B 195 -6.52 -3.24 -16.72
C LEU B 195 -6.52 -2.71 -18.16
N ASP B 196 -5.77 -3.35 -19.05
CA ASP B 196 -5.91 -3.11 -20.50
C ASP B 196 -7.18 -3.76 -21.08
N GLU B 197 -7.79 -4.68 -20.33
CA GLU B 197 -8.92 -5.49 -20.79
C GLU B 197 -10.21 -4.68 -20.91
N ALA B 205 -15.49 1.94 -14.39
CA ALA B 205 -16.70 2.74 -14.54
C ALA B 205 -17.13 3.49 -13.26
N PRO B 206 -16.16 3.95 -12.41
CA PRO B 206 -14.69 3.96 -12.51
C PRO B 206 -13.90 2.84 -11.83
N PHE B 207 -14.60 1.83 -11.28
CA PHE B 207 -14.04 0.76 -10.40
C PHE B 207 -14.32 -0.64 -10.97
N ALA B 208 -14.10 -1.71 -10.21
CA ALA B 208 -14.07 -3.07 -10.76
C ALA B 208 -15.24 -3.92 -10.30
N ILE B 209 -15.59 -4.91 -11.11
CA ILE B 209 -16.72 -5.81 -10.82
C ILE B 209 -16.30 -7.27 -10.65
N ASP B 210 -15.01 -7.48 -10.40
CA ASP B 210 -14.49 -8.76 -10.03
C ASP B 210 -13.23 -8.60 -9.23
N THR B 211 -12.85 -9.65 -8.50
CA THR B 211 -11.78 -9.55 -7.53
C THR B 211 -10.39 -9.23 -8.15
N PRO B 212 -10.00 -9.97 -9.19
CA PRO B 212 -8.64 -9.67 -9.72
C PRO B 212 -8.52 -8.24 -10.24
N HIS B 213 -9.55 -7.73 -10.92
CA HIS B 213 -9.49 -6.36 -11.39
C HIS B 213 -9.56 -5.38 -10.21
N ALA B 214 -10.34 -5.70 -9.18
CA ALA B 214 -10.44 -4.84 -8.00
C ALA B 214 -9.10 -4.66 -7.31
N LEU B 215 -8.35 -5.76 -7.14
CA LEU B 215 -7.07 -5.58 -6.47
CA LEU B 215 -6.99 -5.78 -6.56
C LEU B 215 -6.02 -4.97 -7.42
N SER B 216 -6.02 -5.28 -8.71
CA SER B 216 -5.08 -4.67 -9.66
CA SER B 216 -5.03 -4.67 -9.57
C SER B 216 -5.26 -3.16 -9.65
N ALA B 217 -6.51 -2.75 -9.82
CA ALA B 217 -6.86 -1.33 -9.88
C ALA B 217 -6.66 -0.65 -8.53
N GLY B 218 -7.11 -1.25 -7.43
CA GLY B 218 -6.89 -0.67 -6.13
C GLY B 218 -5.44 -0.38 -5.82
N CYS B 219 -4.58 -1.34 -6.15
CA CYS B 219 -3.18 -1.17 -5.85
C CYS B 219 -2.58 -0.14 -6.81
N LEU B 220 -3.00 -0.14 -8.06
CA LEU B 220 -2.47 0.84 -9.01
CA LEU B 220 -2.48 0.83 -9.01
C LEU B 220 -2.92 2.24 -8.58
N GLN B 221 -4.15 2.39 -8.19
CA GLN B 221 -4.61 3.72 -7.84
CA GLN B 221 -4.66 3.71 -7.76
C GLN B 221 -3.96 4.20 -6.53
N ALA B 222 -3.56 3.30 -5.64
CA ALA B 222 -2.80 3.71 -4.46
C ALA B 222 -1.43 4.24 -4.87
N GLN B 223 -0.80 3.59 -5.84
CA GLN B 223 0.48 4.09 -6.34
C GLN B 223 0.36 5.48 -6.95
N ALA B 224 -0.60 5.62 -7.87
CA ALA B 224 -0.79 6.91 -8.53
C ALA B 224 -1.22 7.99 -7.55
N GLY B 225 -2.15 7.68 -6.65
CA GLY B 225 -2.64 8.63 -5.68
C GLY B 225 -1.54 9.13 -4.74
N LEU B 226 -0.70 8.21 -4.30
CA LEU B 226 0.45 8.56 -3.46
C LEU B 226 1.34 9.61 -4.13
N ILE B 227 1.69 9.35 -5.37
CA ILE B 227 2.63 10.25 -6.07
C ILE B 227 1.96 11.61 -6.32
N GLU B 228 0.71 11.56 -6.77
CA GLU B 228 0.01 12.78 -7.15
C GLU B 228 -0.18 13.66 -5.92
N ARG B 229 -0.60 13.06 -4.82
CA ARG B 229 -0.86 13.80 -3.60
CA ARG B 229 -0.86 13.79 -3.59
C ARG B 229 0.43 14.41 -3.06
N ALA B 230 1.52 13.63 -3.11
CA ALA B 230 2.79 14.10 -2.60
C ALA B 230 3.29 15.27 -3.43
N TRP B 231 3.12 15.22 -4.75
CA TRP B 231 3.60 16.29 -5.62
C TRP B 231 2.80 17.55 -5.36
N ARG B 232 1.47 17.43 -5.32
CA ARG B 232 0.65 18.61 -5.07
C ARG B 232 0.98 19.23 -3.71
N ASP B 233 1.14 18.40 -2.69
CA ASP B 233 1.44 18.91 -1.36
CA ASP B 233 1.44 18.88 -1.35
C ASP B 233 2.81 19.58 -1.29
N LEU B 234 3.77 19.06 -2.04
CA LEU B 234 5.09 19.64 -2.03
C LEU B 234 5.10 21.00 -2.74
N GLU B 235 4.40 21.13 -3.86
CA GLU B 235 4.31 22.45 -4.52
C GLU B 235 3.60 23.44 -3.59
N LYS B 236 2.62 22.94 -2.85
CA LYS B 236 1.88 23.81 -1.93
C LYS B 236 2.80 24.28 -0.81
N ALA B 237 3.57 23.35 -0.27
CA ALA B 237 4.41 23.60 0.89
C ALA B 237 5.55 24.55 0.50
N TRP B 238 6.15 24.33 -0.68
CA TRP B 238 7.28 25.13 -1.11
C TRP B 238 6.89 26.38 -1.89
N LYS B 239 5.58 26.53 -2.16
CA LYS B 239 5.09 27.71 -2.90
C LYS B 239 5.87 27.90 -4.16
N ALA B 240 6.13 26.81 -4.87
CA ALA B 240 7.00 26.87 -6.03
C ALA B 240 6.77 25.66 -6.92
N PRO B 241 7.13 25.74 -8.21
CA PRO B 241 7.01 24.56 -9.06
C PRO B 241 8.00 23.49 -8.62
N VAL B 242 7.61 22.24 -8.79
CA VAL B 242 8.45 21.09 -8.48
C VAL B 242 8.36 20.16 -9.66
N ARG B 243 9.52 19.71 -10.16
CA ARG B 243 9.55 18.72 -11.22
C ARG B 243 9.44 17.33 -10.57
N LEU B 244 8.42 16.58 -10.97
CA LEU B 244 8.26 15.19 -10.58
C LEU B 244 9.09 14.34 -11.52
N VAL B 245 10.09 13.65 -10.98
CA VAL B 245 10.99 12.82 -11.73
C VAL B 245 10.72 11.37 -11.39
N LEU B 246 10.40 10.58 -12.41
CA LEU B 246 10.12 9.14 -12.23
C LEU B 246 11.39 8.37 -12.54
N SER B 247 12.03 7.86 -11.47
N SER B 247 11.56 7.31 -11.78
CA SER B 247 13.43 7.33 -11.45
CA SER B 247 12.63 6.42 -12.07
C SER B 247 13.50 5.82 -11.65
C SER B 247 12.30 5.04 -11.60
N GLY B 248 14.39 5.34 -12.50
N GLY B 248 13.31 4.20 -11.82
CA GLY B 248 14.49 3.89 -12.70
CA GLY B 248 13.37 2.84 -11.41
C GLY B 248 13.32 3.47 -13.57
C GLY B 248 12.80 1.97 -12.49
N GLY B 249 13.09 2.18 -13.77
CA GLY B 249 11.95 1.87 -14.59
C GLY B 249 10.65 2.15 -13.83
N ALA B 250 9.51 2.11 -14.49
CA ALA B 250 8.23 2.15 -13.79
C ALA B 250 7.20 1.54 -14.72
N ALA B 251 6.38 0.66 -14.18
CA ALA B 251 5.39 -0.02 -14.99
C ALA B 251 4.63 1.00 -15.83
N ASP B 252 4.46 0.71 -17.11
CA ASP B 252 3.72 1.59 -18.01
C ASP B 252 2.35 1.99 -17.45
N ALA B 253 1.70 1.06 -16.75
CA ALA B 253 0.37 1.32 -16.24
C ALA B 253 0.39 2.41 -15.17
N ILE B 254 1.47 2.49 -14.40
CA ILE B 254 1.61 3.53 -13.37
C ILE B 254 1.82 4.89 -14.04
N VAL B 255 2.75 4.93 -14.98
CA VAL B 255 3.05 6.14 -15.70
C VAL B 255 1.81 6.64 -16.43
N ARG B 256 1.11 5.73 -17.12
CA ARG B 256 -0.10 6.11 -17.86
C ARG B 256 -1.21 6.63 -16.97
N ALA B 257 -1.24 6.18 -15.72
CA ALA B 257 -2.31 6.56 -14.80
C ALA B 257 -2.15 7.97 -14.28
N LEU B 258 -0.92 8.47 -14.23
CA LEU B 258 -0.68 9.76 -13.59
C LEU B 258 -1.38 10.87 -14.35
N THR B 259 -2.01 11.80 -13.62
CA THR B 259 -2.66 12.96 -14.22
C THR B 259 -1.86 14.24 -14.03
N VAL B 260 -0.66 14.12 -13.50
CA VAL B 260 0.19 15.24 -13.21
C VAL B 260 1.43 15.14 -14.11
N PRO B 261 2.04 16.29 -14.40
CA PRO B 261 3.21 16.23 -15.25
C PRO B 261 4.40 15.50 -14.59
N HIS B 262 5.20 14.84 -15.42
CA HIS B 262 6.30 14.05 -14.95
C HIS B 262 7.39 13.93 -16.02
N THR B 263 8.61 13.71 -15.53
CA THR B 263 9.78 13.53 -16.35
C THR B 263 10.42 12.20 -16.02
N ARG B 264 10.68 11.35 -17.01
CA ARG B 264 11.33 10.06 -16.79
CA ARG B 264 11.33 10.06 -16.76
C ARG B 264 12.85 10.21 -16.80
N HIS B 265 13.52 9.62 -15.81
CA HIS B 265 14.96 9.48 -15.84
C HIS B 265 15.28 8.09 -15.29
N ASP B 266 15.57 7.17 -16.20
CA ASP B 266 15.72 5.76 -15.87
C ASP B 266 17.07 5.37 -15.27
N THR B 267 18.05 6.27 -15.33
CA THR B 267 19.40 5.97 -14.87
C THR B 267 19.85 6.89 -13.73
N LEU B 268 18.93 7.42 -12.92
CA LEU B 268 19.38 8.39 -11.90
C LEU B 268 20.38 7.82 -10.92
N VAL B 269 20.13 6.63 -10.41
CA VAL B 269 21.02 6.09 -9.41
C VAL B 269 22.39 5.81 -10.01
N LEU B 270 22.42 5.15 -11.15
CA LEU B 270 23.70 4.92 -11.81
C LEU B 270 24.43 6.22 -12.15
N THR B 271 23.71 7.24 -12.58
CA THR B 271 24.41 8.49 -12.86
CA THR B 271 24.30 8.56 -12.84
C THR B 271 24.93 9.13 -11.58
N GLY B 272 24.22 8.99 -10.44
CA GLY B 272 24.78 9.45 -9.18
C GLY B 272 26.04 8.68 -8.77
N LEU B 273 26.06 7.39 -9.02
CA LEU B 273 27.25 6.59 -8.75
C LEU B 273 28.40 7.04 -9.62
N ALA B 274 28.14 7.40 -10.87
CA ALA B 274 29.20 7.89 -11.75
C ALA B 274 29.78 9.19 -11.21
N LEU B 275 28.93 10.05 -10.66
CA LEU B 275 29.43 11.29 -10.03
C LEU B 275 30.23 11.03 -8.78
N ILE B 276 29.82 10.06 -7.97
CA ILE B 276 30.56 9.76 -6.75
C ILE B 276 31.95 9.23 -7.15
N ALA B 277 31.99 8.37 -8.17
CA ALA B 277 33.23 7.73 -8.61
C ALA B 277 34.21 8.73 -9.17
N HIS B 278 33.70 9.79 -9.76
CA HIS B 278 34.56 10.78 -10.38
C HIS B 278 34.72 12.03 -9.53
N SER B 279 34.38 11.94 -8.25
CA SER B 279 34.47 13.06 -7.34
C SER B 279 35.80 13.00 -6.60
#